data_8SWA
#
_entry.id   8SWA
#
_cell.length_a   61.698
_cell.length_b   100.421
_cell.length_c   122.740
_cell.angle_alpha   90.000
_cell.angle_beta   90.000
_cell.angle_gamma   90.000
#
_symmetry.space_group_name_H-M   'I 2 2 2'
#
loop_
_entity.id
_entity.type
_entity.pdbx_description
1 polymer 'S-adenosylmethionine synthase isoform type-1'
2 non-polymer '(DIPHOSPHONO)AMINOPHOSPHONIC ACID'
3 non-polymer 'MAGNESIUM ION'
4 non-polymer 'POTASSIUM ION'
5 non-polymer S-ADENOSYLMETHIONINE
6 water water
#
_entity_poly.entity_id   1
_entity_poly.type   'polypeptide(L)'
_entity_poly.pdbx_seq_one_letter_code
;MHHHHHHSSGVDLGTENLYFQSMGVFMFTSESVGEGHPDKICDQISDAVLDAHLKQDPNAKVACETVCKTGMVLLCGEIT
SMAMVDYQRVVRDTIKHIGYDDSAKGFDFKTCNVLVALEQQSPDIAQCVHLDRNEEDVGAGDQGLMFGYATDETEECMPL
TIILAHKLNARMADLRRSGLLPWLRPDSKTQVTVQYMQDNGAVIPVRIHTIVISVQHNEDITLEEMRRALKEQVIRAVVP
AKYLDEDTVYHLQPSGRFVIGGPQGDAGVTGRKIIVDTYGGWGAHGGGAFSGKDYTKVDRSAAYAARWVAKSLVKAGLCR
RVLVQVSYAIGVAEPLSISIFTYGTSQKTERELLDVVHKNFDLRPGVIVRDLDLKKPIYQKTACYGHFGRSEFPWEVPRK
LVF
;
_entity_poly.pdbx_strand_id   A
#
# COMPACT_ATOMS: atom_id res chain seq x y z
N GLY A 24 7.76 8.20 29.55
CA GLY A 24 6.52 8.26 28.78
C GLY A 24 6.47 7.24 27.65
N VAL A 25 7.09 6.08 27.87
CA VAL A 25 7.21 5.06 26.84
C VAL A 25 5.84 4.44 26.54
N PHE A 26 5.60 4.12 25.26
CA PHE A 26 4.37 3.44 24.87
C PHE A 26 4.67 2.44 23.74
N MET A 27 3.75 1.50 23.57
CA MET A 27 3.84 0.50 22.51
CA MET A 27 3.86 0.52 22.49
C MET A 27 2.96 0.91 21.34
N PHE A 28 3.39 0.54 20.12
CA PHE A 28 2.58 0.71 18.94
C PHE A 28 2.89 -0.46 18.01
N THR A 29 1.83 -1.07 17.48
CA THR A 29 1.97 -2.24 16.63
C THR A 29 1.52 -1.91 15.21
N SER A 30 2.24 -2.47 14.22
CA SER A 30 1.82 -2.44 12.82
C SER A 30 2.01 -3.82 12.20
N GLU A 31 1.28 -4.10 11.12
CA GLU A 31 1.45 -5.38 10.43
C GLU A 31 1.69 -5.16 8.94
N SER A 32 2.21 -6.20 8.28
CA SER A 32 2.32 -6.20 6.83
C SER A 32 2.05 -7.62 6.33
N VAL A 33 1.83 -7.75 5.03
CA VAL A 33 1.65 -9.07 4.42
C VAL A 33 2.49 -9.16 3.15
N GLY A 34 2.78 -10.40 2.75
CA GLY A 34 3.58 -10.67 1.58
C GLY A 34 2.76 -10.80 0.31
N GLU A 35 3.48 -11.02 -0.80
CA GLU A 35 2.88 -10.96 -2.12
C GLU A 35 1.84 -12.05 -2.35
N GLY A 36 1.99 -13.18 -1.67
CA GLY A 36 1.07 -14.29 -1.78
C GLY A 36 -0.10 -14.26 -0.83
N HIS A 37 -0.17 -13.27 0.06
CA HIS A 37 -1.37 -13.10 0.88
C HIS A 37 -2.57 -12.85 -0.03
N PRO A 38 -3.70 -13.51 0.20
CA PRO A 38 -4.79 -13.48 -0.81
C PRO A 38 -5.35 -12.10 -1.07
N ASP A 39 -5.47 -11.25 -0.03
CA ASP A 39 -5.90 -9.87 -0.27
C ASP A 39 -4.90 -9.13 -1.13
N LYS A 40 -3.59 -9.33 -0.85
CA LYS A 40 -2.56 -8.66 -1.65
C LYS A 40 -2.46 -9.22 -3.05
N ILE A 41 -2.75 -10.52 -3.26
CA ILE A 41 -2.84 -11.03 -4.63
C ILE A 41 -3.84 -10.19 -5.44
N CYS A 42 -5.01 -9.91 -4.84
CA CYS A 42 -6.05 -9.16 -5.52
C CYS A 42 -5.61 -7.72 -5.82
N ASP A 43 -4.96 -7.07 -4.84
CA ASP A 43 -4.43 -5.73 -5.07
C ASP A 43 -3.45 -5.73 -6.25
N GLN A 44 -2.56 -6.73 -6.31
CA GLN A 44 -1.57 -6.78 -7.39
C GLN A 44 -2.23 -7.08 -8.74
N ILE A 45 -3.24 -7.96 -8.75
CA ILE A 45 -3.92 -8.24 -10.01
C ILE A 45 -4.70 -7.02 -10.49
N SER A 46 -5.40 -6.35 -9.57
CA SER A 46 -6.17 -5.16 -9.92
C SER A 46 -5.26 -4.08 -10.53
N ASP A 47 -4.09 -3.87 -9.96
CA ASP A 47 -3.17 -2.87 -10.49
C ASP A 47 -2.42 -3.35 -11.73
N ALA A 48 -2.22 -4.66 -11.89
CA ALA A 48 -1.72 -5.17 -13.17
C ALA A 48 -2.71 -4.91 -14.29
N VAL A 49 -4.01 -5.01 -14.01
CA VAL A 49 -5.02 -4.68 -15.01
C VAL A 49 -4.98 -3.19 -15.34
N LEU A 50 -4.89 -2.36 -14.30
CA LEU A 50 -4.78 -0.91 -14.53
C LEU A 50 -3.57 -0.57 -15.39
N ASP A 51 -2.39 -1.10 -15.02
CA ASP A 51 -1.17 -0.89 -15.79
C ASP A 51 -1.35 -1.35 -17.25
N ALA A 52 -1.96 -2.51 -17.47
CA ALA A 52 -2.14 -3.00 -18.83
C ALA A 52 -2.96 -2.03 -19.66
N HIS A 53 -3.99 -1.42 -19.07
CA HIS A 53 -4.79 -0.45 -19.79
C HIS A 53 -4.01 0.83 -20.04
N LEU A 54 -3.29 1.34 -19.03
CA LEU A 54 -2.56 2.61 -19.17
C LEU A 54 -1.45 2.53 -20.19
N LYS A 55 -0.87 1.35 -20.41
CA LYS A 55 0.17 1.19 -21.42
C LYS A 55 -0.35 1.48 -22.82
N GLN A 56 -1.62 1.21 -23.10
CA GLN A 56 -2.21 1.51 -24.41
C GLN A 56 -3.04 2.78 -24.41
N ASP A 57 -3.78 3.06 -23.35
CA ASP A 57 -4.68 4.22 -23.29
C ASP A 57 -4.41 4.97 -21.99
N PRO A 58 -3.60 6.03 -22.04
CA PRO A 58 -3.28 6.77 -20.80
C PRO A 58 -4.48 7.38 -20.10
N ASN A 59 -5.61 7.53 -20.78
CA ASN A 59 -6.81 8.11 -20.18
C ASN A 59 -7.85 7.06 -19.82
N ALA A 60 -7.46 5.79 -19.74
CA ALA A 60 -8.42 4.75 -19.38
C ALA A 60 -9.06 5.07 -18.04
N LYS A 61 -10.37 4.81 -17.95
CA LYS A 61 -11.09 4.88 -16.69
C LYS A 61 -11.22 3.48 -16.13
N VAL A 62 -10.61 3.23 -14.98
CA VAL A 62 -10.49 1.89 -14.42
C VAL A 62 -10.97 1.89 -12.98
N ALA A 63 -11.84 0.92 -12.64
CA ALA A 63 -12.28 0.63 -11.29
C ALA A 63 -12.42 -0.89 -11.21
N CYS A 64 -11.29 -1.59 -11.06
CA CYS A 64 -11.24 -3.04 -11.12
C CYS A 64 -11.15 -3.64 -9.72
N GLU A 65 -12.17 -4.39 -9.32
CA GLU A 65 -12.10 -5.20 -8.11
C GLU A 65 -11.74 -6.64 -8.49
N THR A 66 -10.89 -7.26 -7.67
CA THR A 66 -10.49 -8.65 -7.85
C THR A 66 -10.88 -9.42 -6.60
N VAL A 67 -11.41 -10.64 -6.80
CA VAL A 67 -11.73 -11.56 -5.71
C VAL A 67 -11.01 -12.88 -5.97
N CYS A 68 -10.41 -13.45 -4.93
CA CYS A 68 -9.75 -14.74 -5.08
CA CYS A 68 -9.68 -14.71 -5.04
C CYS A 68 -10.11 -15.67 -3.95
N LYS A 69 -10.25 -16.94 -4.31
CA LYS A 69 -10.60 -18.02 -3.42
C LYS A 69 -10.09 -19.27 -4.14
N THR A 70 -10.13 -20.40 -3.46
CA THR A 70 -9.64 -21.67 -4.02
C THR A 70 -9.92 -21.81 -5.51
N GLY A 71 -8.88 -21.75 -6.32
CA GLY A 71 -8.97 -21.98 -7.75
C GLY A 71 -9.60 -20.89 -8.57
N MET A 72 -9.88 -19.70 -8.00
CA MET A 72 -10.66 -18.70 -8.72
C MET A 72 -10.05 -17.32 -8.57
N VAL A 73 -9.98 -16.61 -9.70
CA VAL A 73 -9.80 -15.17 -9.74
C VAL A 73 -10.98 -14.58 -10.50
N LEU A 74 -11.73 -13.71 -9.86
CA LEU A 74 -12.83 -13.00 -10.51
C LEU A 74 -12.46 -11.53 -10.61
N LEU A 75 -12.47 -11.00 -11.84
CA LEU A 75 -12.31 -9.57 -12.08
C LEU A 75 -13.69 -8.96 -12.25
N CYS A 76 -13.98 -7.91 -11.51
CA CYS A 76 -15.27 -7.25 -11.65
CA CYS A 76 -15.25 -7.24 -11.70
C CYS A 76 -15.10 -5.75 -11.40
N GLY A 77 -16.01 -4.97 -11.96
CA GLY A 77 -15.90 -3.54 -11.87
C GLY A 77 -16.19 -2.87 -13.18
N GLU A 78 -15.62 -1.69 -13.39
CA GLU A 78 -16.00 -0.81 -14.47
C GLU A 78 -14.75 -0.28 -15.14
N ILE A 79 -14.65 -0.49 -16.45
CA ILE A 79 -13.52 0.01 -17.26
C ILE A 79 -14.09 0.61 -18.54
N THR A 80 -13.71 1.85 -18.83
CA THR A 80 -13.91 2.46 -20.14
C THR A 80 -12.55 2.82 -20.71
N SER A 81 -12.18 2.19 -21.82
CA SER A 81 -10.82 2.28 -22.32
C SER A 81 -10.80 1.86 -23.78
N MET A 82 -9.88 2.47 -24.53
CA MET A 82 -9.54 2.05 -25.89
C MET A 82 -8.51 0.93 -25.92
N ALA A 83 -7.98 0.49 -24.78
CA ALA A 83 -6.96 -0.55 -24.77
C ALA A 83 -7.59 -1.93 -25.05
N MET A 84 -6.78 -2.84 -25.59
CA MET A 84 -7.20 -4.22 -25.80
C MET A 84 -6.30 -5.14 -25.00
N VAL A 85 -6.86 -5.65 -23.92
CA VAL A 85 -6.12 -6.27 -22.84
C VAL A 85 -6.51 -7.74 -22.76
N ASP A 86 -5.52 -8.61 -22.74
CA ASP A 86 -5.72 -10.05 -22.56
C ASP A 86 -5.75 -10.32 -21.05
N TYR A 87 -6.97 -10.33 -20.49
CA TYR A 87 -7.12 -10.47 -19.04
C TYR A 87 -6.60 -11.83 -18.54
N GLN A 88 -6.79 -12.89 -19.32
CA GLN A 88 -6.25 -14.19 -18.92
C GLN A 88 -4.73 -14.13 -18.78
N ARG A 89 -4.07 -13.51 -19.76
CA ARG A 89 -2.62 -13.36 -19.71
C ARG A 89 -2.19 -12.49 -18.52
N VAL A 90 -2.83 -11.33 -18.34
CA VAL A 90 -2.42 -10.42 -17.28
C VAL A 90 -2.57 -11.07 -15.92
N VAL A 91 -3.71 -11.71 -15.69
CA VAL A 91 -3.95 -12.35 -14.39
C VAL A 91 -2.96 -13.48 -14.15
N ARG A 92 -2.82 -14.38 -15.13
CA ARG A 92 -1.97 -15.55 -14.92
C ARG A 92 -0.51 -15.17 -14.84
N ASP A 93 -0.07 -14.16 -15.60
CA ASP A 93 1.30 -13.66 -15.46
C ASP A 93 1.55 -13.13 -14.05
N THR A 94 0.58 -12.41 -13.48
CA THR A 94 0.73 -11.87 -12.13
C THR A 94 0.85 -12.99 -11.11
N ILE A 95 -0.01 -14.00 -11.20
CA ILE A 95 0.04 -15.12 -10.27
C ILE A 95 1.35 -15.89 -10.39
N LYS A 96 1.82 -16.08 -11.62
CA LYS A 96 3.11 -16.74 -11.85
C LYS A 96 4.24 -15.99 -11.16
N HIS A 97 4.29 -14.66 -11.35
CA HIS A 97 5.36 -13.86 -10.75
C HIS A 97 5.30 -13.92 -9.23
N ILE A 98 4.09 -13.96 -8.66
CA ILE A 98 3.95 -14.07 -7.22
C ILE A 98 4.56 -15.38 -6.71
N GLY A 99 4.47 -16.44 -7.51
CA GLY A 99 5.06 -17.72 -7.17
C GLY A 99 4.08 -18.88 -7.04
N TYR A 100 2.80 -18.73 -7.38
CA TYR A 100 1.83 -19.82 -7.24
C TYR A 100 1.77 -20.56 -8.57
N ASP A 101 2.53 -21.65 -8.66
CA ASP A 101 2.70 -22.37 -9.92
C ASP A 101 2.55 -23.88 -9.74
N ASP A 102 1.86 -24.33 -8.70
CA ASP A 102 1.69 -25.76 -8.48
C ASP A 102 0.58 -26.03 -7.50
N SER A 103 -0.20 -27.09 -7.77
CA SER A 103 -1.28 -27.46 -6.86
C SER A 103 -0.76 -27.79 -5.47
N ALA A 104 0.51 -28.23 -5.35
CA ALA A 104 1.09 -28.52 -4.04
C ALA A 104 1.18 -27.25 -3.18
N LYS A 105 1.30 -26.08 -3.80
CA LYS A 105 1.29 -24.82 -3.09
C LYS A 105 -0.12 -24.29 -2.83
N GLY A 106 -1.16 -24.96 -3.35
CA GLY A 106 -2.54 -24.55 -3.14
C GLY A 106 -3.13 -23.67 -4.23
N PHE A 107 -2.33 -23.26 -5.20
CA PHE A 107 -2.79 -22.33 -6.23
C PHE A 107 -1.81 -22.40 -7.40
N ASP A 108 -2.32 -22.40 -8.63
CA ASP A 108 -1.48 -22.56 -9.81
C ASP A 108 -2.00 -21.67 -10.93
N PHE A 109 -1.17 -20.74 -11.39
CA PHE A 109 -1.56 -19.84 -12.48
C PHE A 109 -1.93 -20.61 -13.74
N LYS A 110 -1.36 -21.81 -13.92
CA LYS A 110 -1.64 -22.60 -15.12
C LYS A 110 -3.07 -23.13 -15.15
N THR A 111 -3.66 -23.41 -13.98
CA THR A 111 -4.87 -24.21 -13.95
C THR A 111 -6.00 -23.57 -13.15
N CYS A 112 -5.84 -22.34 -12.67
CA CYS A 112 -6.95 -21.73 -11.95
C CYS A 112 -7.99 -21.17 -12.93
N ASN A 113 -9.16 -20.87 -12.39
CA ASN A 113 -10.27 -20.30 -13.11
C ASN A 113 -10.16 -18.78 -13.07
N VAL A 114 -10.20 -18.15 -14.24
CA VAL A 114 -10.22 -16.68 -14.33
C VAL A 114 -11.55 -16.28 -14.94
N LEU A 115 -12.33 -15.53 -14.16
CA LEU A 115 -13.68 -15.09 -14.55
C LEU A 115 -13.68 -13.58 -14.65
N VAL A 116 -14.23 -13.04 -15.73
CA VAL A 116 -14.19 -11.60 -15.97
C VAL A 116 -15.62 -11.06 -16.08
N ALA A 117 -15.96 -10.11 -15.20
CA ALA A 117 -17.28 -9.47 -15.19
C ALA A 117 -17.11 -7.96 -15.20
N LEU A 118 -16.54 -7.44 -16.29
CA LEU A 118 -16.17 -6.03 -16.40
C LEU A 118 -17.11 -5.31 -17.36
N GLU A 119 -17.65 -4.17 -16.92
CA GLU A 119 -18.61 -3.38 -17.68
C GLU A 119 -18.05 -1.98 -17.88
N GLN A 120 -18.74 -1.19 -18.70
CA GLN A 120 -18.34 0.20 -18.90
C GLN A 120 -18.68 1.05 -17.68
N GLN A 121 -17.95 2.16 -17.52
CA GLN A 121 -18.25 3.11 -16.46
C GLN A 121 -19.64 3.69 -16.66
N SER A 122 -20.35 3.89 -15.56
CA SER A 122 -21.70 4.44 -15.64
C SER A 122 -21.70 5.76 -16.39
N PRO A 123 -22.58 5.96 -17.38
CA PRO A 123 -22.61 7.26 -18.07
C PRO A 123 -23.07 8.39 -17.17
N ASP A 124 -23.86 8.09 -16.13
CA ASP A 124 -24.26 9.11 -15.18
C ASP A 124 -23.07 9.65 -14.41
N ILE A 125 -22.07 8.79 -14.14
CA ILE A 125 -20.84 9.25 -13.52
C ILE A 125 -19.99 10.03 -14.52
N ALA A 126 -19.83 9.47 -15.73
CA ALA A 126 -18.93 10.07 -16.73
C ALA A 126 -19.33 11.50 -17.07
N GLN A 127 -20.63 11.76 -17.28
CA GLN A 127 -21.06 13.09 -17.68
C GLN A 127 -20.70 14.12 -16.63
N CYS A 128 -20.65 13.70 -15.37
CA CYS A 128 -20.36 14.59 -14.27
C CYS A 128 -18.86 14.77 -14.05
N VAL A 129 -18.09 13.69 -14.20
CA VAL A 129 -16.70 13.72 -13.77
C VAL A 129 -15.79 14.33 -14.84
N HIS A 130 -15.89 13.85 -16.08
CA HIS A 130 -14.86 14.18 -17.07
C HIS A 130 -15.37 14.50 -18.47
N LEU A 131 -16.60 14.18 -18.84
CA LEU A 131 -17.01 14.36 -20.22
C LEU A 131 -16.98 15.84 -20.61
N ASP A 132 -16.36 16.14 -21.75
CA ASP A 132 -16.21 17.45 -22.37
C ASP A 132 -15.18 18.32 -21.66
N ARG A 133 -14.61 17.89 -20.54
CA ARG A 133 -13.79 18.78 -19.72
C ARG A 133 -12.32 18.71 -20.13
N ASN A 134 -11.62 19.85 -20.00
CA ASN A 134 -10.17 19.83 -20.11
C ASN A 134 -9.60 19.05 -18.93
N GLU A 135 -8.44 18.40 -19.16
CA GLU A 135 -7.86 17.56 -18.12
C GLU A 135 -7.66 18.33 -16.81
N GLU A 136 -7.19 19.56 -16.89
CA GLU A 136 -6.96 20.37 -15.69
C GLU A 136 -8.23 20.54 -14.86
N ASP A 137 -9.40 20.51 -15.50
CA ASP A 137 -10.67 20.80 -14.84
C ASP A 137 -11.46 19.56 -14.47
N VAL A 138 -10.88 18.36 -14.62
CA VAL A 138 -11.63 17.15 -14.35
C VAL A 138 -12.10 17.16 -12.90
N GLY A 139 -13.36 16.75 -12.69
CA GLY A 139 -13.88 16.72 -11.35
C GLY A 139 -13.41 15.50 -10.59
N ALA A 140 -13.48 15.61 -9.26
CA ALA A 140 -13.26 14.43 -8.43
C ALA A 140 -14.18 13.30 -8.87
N GLY A 141 -13.61 12.10 -8.99
CA GLY A 141 -14.38 10.95 -9.44
C GLY A 141 -15.42 10.44 -8.44
N ASP A 142 -15.36 10.91 -7.19
CA ASP A 142 -16.28 10.50 -6.14
C ASP A 142 -16.18 11.53 -5.04
N GLN A 143 -17.13 11.51 -4.11
CA GLN A 143 -16.88 12.20 -2.85
C GLN A 143 -15.88 11.37 -2.03
N GLY A 144 -15.38 11.96 -0.95
CA GLY A 144 -14.55 11.19 -0.05
C GLY A 144 -13.59 12.06 0.74
N LEU A 145 -12.95 11.43 1.73
CA LEU A 145 -11.92 12.07 2.54
C LEU A 145 -10.65 11.24 2.43
N MET A 146 -9.52 11.90 2.47
CA MET A 146 -8.22 11.25 2.36
C MET A 146 -7.27 11.91 3.35
N PHE A 147 -6.27 11.15 3.81
CA PHE A 147 -5.26 11.68 4.73
C PHE A 147 -3.87 11.39 4.21
N GLY A 148 -2.95 12.29 4.55
CA GLY A 148 -1.53 12.04 4.36
C GLY A 148 -0.83 12.24 5.68
N TYR A 149 0.27 11.52 5.87
CA TYR A 149 1.00 11.56 7.13
C TYR A 149 2.50 11.46 6.88
N ALA A 150 3.29 12.06 7.76
CA ALA A 150 4.73 11.94 7.70
C ALA A 150 5.30 12.15 9.10
N THR A 151 6.45 11.54 9.35
CA THR A 151 7.08 11.56 10.66
C THR A 151 8.59 11.54 10.46
N ASP A 152 9.31 12.37 11.20
CA ASP A 152 10.76 12.45 11.04
C ASP A 152 11.50 11.31 11.74
N GLU A 153 10.81 10.24 12.17
CA GLU A 153 11.48 9.21 12.95
C GLU A 153 12.35 8.28 12.10
N THR A 154 12.15 8.26 10.77
CA THR A 154 13.01 7.52 9.85
C THR A 154 13.36 8.41 8.66
N GLU A 155 14.39 8.01 7.92
CA GLU A 155 14.79 8.83 6.79
C GLU A 155 13.79 8.80 5.64
N GLU A 156 12.94 7.76 5.56
CA GLU A 156 11.85 7.80 4.58
C GLU A 156 10.61 8.54 5.09
N CYS A 157 10.67 9.09 6.30
CA CYS A 157 9.58 9.87 6.88
C CYS A 157 8.35 9.01 7.13
N MET A 158 8.56 7.76 7.53
CA MET A 158 7.50 6.81 7.78
C MET A 158 7.62 6.23 9.18
N PRO A 159 6.53 5.69 9.74
CA PRO A 159 6.65 5.01 11.03
C PRO A 159 7.56 3.79 10.92
N LEU A 160 8.42 3.62 11.92
CA LEU A 160 9.31 2.46 11.94
C LEU A 160 8.55 1.14 11.94
N THR A 161 7.41 1.09 12.65
CA THR A 161 6.68 -0.17 12.77
C THR A 161 6.29 -0.73 11.41
N ILE A 162 5.72 0.11 10.55
CA ILE A 162 5.22 -0.38 9.26
C ILE A 162 6.37 -0.66 8.30
N ILE A 163 7.42 0.17 8.33
CA ILE A 163 8.58 -0.07 7.45
C ILE A 163 9.20 -1.43 7.75
N LEU A 164 9.44 -1.72 9.03
CA LEU A 164 10.04 -3.00 9.40
C LEU A 164 9.15 -4.16 9.00
N ALA A 165 7.83 -4.03 9.21
CA ALA A 165 6.91 -5.09 8.84
C ALA A 165 6.97 -5.39 7.34
N HIS A 166 6.99 -4.34 6.50
CA HIS A 166 7.17 -4.53 5.06
C HIS A 166 8.49 -5.24 4.75
N LYS A 167 9.57 -4.79 5.38
CA LYS A 167 10.88 -5.33 5.03
C LYS A 167 11.01 -6.80 5.38
N LEU A 168 10.35 -7.24 6.44
CA LEU A 168 10.38 -8.65 6.81
C LEU A 168 9.76 -9.50 5.72
N ASN A 169 8.60 -9.10 5.20
CA ASN A 169 7.98 -9.84 4.10
C ASN A 169 8.84 -9.81 2.85
N ALA A 170 9.40 -8.64 2.52
CA ALA A 170 10.22 -8.56 1.30
C ALA A 170 11.46 -9.45 1.40
N ARG A 171 12.06 -9.52 2.60
CA ARG A 171 13.22 -10.38 2.80
C ARG A 171 12.85 -11.85 2.60
N MET A 172 11.69 -12.28 3.11
CA MET A 172 11.29 -13.66 2.90
C MET A 172 11.07 -13.95 1.42
N ALA A 173 10.48 -13.01 0.69
CA ALA A 173 10.26 -13.21 -0.73
C ALA A 173 11.59 -13.33 -1.48
N ASP A 174 12.59 -12.55 -1.07
CA ASP A 174 13.92 -12.65 -1.68
C ASP A 174 14.53 -14.03 -1.42
N LEU A 175 14.44 -14.52 -0.18
CA LEU A 175 15.02 -15.82 0.15
C LEU A 175 14.29 -16.94 -0.55
N ARG A 176 12.98 -16.80 -0.72
CA ARG A 176 12.20 -17.77 -1.49
C ARG A 176 12.64 -17.79 -2.96
N ARG A 177 12.70 -16.61 -3.60
CA ARG A 177 12.98 -16.57 -5.03
C ARG A 177 14.41 -16.94 -5.35
N SER A 178 15.35 -16.71 -4.44
CA SER A 178 16.74 -17.08 -4.66
C SER A 178 16.99 -18.57 -4.48
N GLY A 179 16.04 -19.29 -3.89
CA GLY A 179 16.25 -20.68 -3.54
C GLY A 179 17.00 -20.92 -2.24
N LEU A 180 17.35 -19.87 -1.48
CA LEU A 180 18.11 -20.10 -0.26
C LEU A 180 17.27 -20.76 0.84
N LEU A 181 15.95 -20.54 0.83
CA LEU A 181 15.01 -21.22 1.73
C LEU A 181 13.91 -21.80 0.87
N PRO A 182 14.13 -22.99 0.28
CA PRO A 182 13.19 -23.50 -0.72
C PRO A 182 11.85 -23.95 -0.14
N TRP A 183 11.74 -24.08 1.19
CA TRP A 183 10.48 -24.49 1.80
C TRP A 183 9.51 -23.34 1.95
N LEU A 184 9.96 -22.10 1.77
CA LEU A 184 9.08 -20.94 1.86
C LEU A 184 8.09 -20.89 0.70
N ARG A 185 6.84 -20.49 1.02
CA ARG A 185 5.80 -20.29 0.01
CA ARG A 185 5.85 -20.28 -0.03
C ARG A 185 5.41 -18.82 0.01
N PRO A 186 4.59 -18.35 -0.95
CA PRO A 186 4.38 -16.88 -1.08
C PRO A 186 3.52 -16.20 -0.01
N ASP A 187 2.62 -16.92 0.66
CA ASP A 187 1.68 -16.31 1.61
C ASP A 187 2.37 -16.06 2.95
N SER A 188 2.39 -14.80 3.41
CA SER A 188 3.08 -14.48 4.66
C SER A 188 2.46 -13.23 5.30
N LYS A 189 2.64 -13.16 6.63
CA LYS A 189 2.21 -12.02 7.42
C LYS A 189 3.25 -11.75 8.48
N THR A 190 3.46 -10.47 8.79
CA THR A 190 4.39 -10.03 9.82
C THR A 190 3.72 -8.98 10.70
N GLN A 191 4.23 -8.84 11.91
CA GLN A 191 3.66 -7.84 12.82
C GLN A 191 4.76 -7.38 13.76
N VAL A 192 4.93 -6.07 13.90
CA VAL A 192 6.03 -5.52 14.69
C VAL A 192 5.47 -4.54 15.71
N THR A 193 5.80 -4.76 16.98
CA THR A 193 5.46 -3.86 18.07
C THR A 193 6.73 -3.17 18.51
N VAL A 194 6.72 -1.84 18.48
CA VAL A 194 7.87 -1.03 18.87
C VAL A 194 7.50 -0.21 20.11
N GLN A 195 8.46 -0.08 21.02
CA GLN A 195 8.32 0.85 22.13
C GLN A 195 8.92 2.19 21.74
N TYR A 196 8.15 3.25 21.95
CA TYR A 196 8.49 4.63 21.61
C TYR A 196 8.53 5.50 22.86
N MET A 197 9.39 6.50 22.83
CA MET A 197 9.22 7.64 23.73
C MET A 197 8.76 8.82 22.90
N GLN A 198 8.12 9.78 23.55
CA GLN A 198 7.65 10.97 22.87
C GLN A 198 8.51 12.16 23.25
N ASP A 199 8.55 13.15 22.34
CA ASP A 199 9.47 14.29 22.45
C ASP A 199 8.73 15.51 21.88
N ASN A 200 7.93 16.14 22.74
CA ASN A 200 7.18 17.34 22.37
C ASN A 200 6.31 17.09 21.14
N GLY A 201 5.59 15.97 21.15
CA GLY A 201 4.73 15.59 20.06
C GLY A 201 5.37 14.69 19.02
N ALA A 202 6.69 14.65 18.94
CA ALA A 202 7.38 13.73 18.06
C ALA A 202 7.54 12.38 18.75
N VAL A 203 7.82 11.35 17.96
CA VAL A 203 7.93 10.00 18.49
C VAL A 203 9.30 9.45 18.12
N ILE A 204 9.95 8.78 19.05
CA ILE A 204 11.30 8.25 18.88
C ILE A 204 11.25 6.77 19.19
N PRO A 205 11.52 5.90 18.21
CA PRO A 205 11.56 4.45 18.48
C PRO A 205 12.73 4.11 19.38
N VAL A 206 12.52 3.19 20.31
CA VAL A 206 13.50 2.85 21.33
C VAL A 206 13.91 1.38 21.25
N ARG A 207 12.94 0.48 21.12
CA ARG A 207 13.30 -0.93 21.02
C ARG A 207 12.14 -1.69 20.39
N ILE A 208 12.46 -2.86 19.85
CA ILE A 208 11.48 -3.80 19.36
C ILE A 208 10.98 -4.63 20.54
N HIS A 209 9.67 -4.58 20.77
CA HIS A 209 9.04 -5.29 21.88
C HIS A 209 8.61 -6.70 21.49
N THR A 210 7.96 -6.84 20.33
CA THR A 210 7.44 -8.12 19.86
C THR A 210 7.52 -8.14 18.35
N ILE A 211 7.82 -9.32 17.79
CA ILE A 211 7.71 -9.57 16.36
C ILE A 211 6.93 -10.86 16.14
N VAL A 212 5.98 -10.82 15.21
CA VAL A 212 5.24 -12.00 14.78
C VAL A 212 5.58 -12.26 13.32
N ILE A 213 5.85 -13.53 12.97
CA ILE A 213 5.96 -13.94 11.58
C ILE A 213 5.24 -15.27 11.39
N SER A 214 4.37 -15.31 10.40
CA SER A 214 3.75 -16.55 9.93
C SER A 214 3.96 -16.61 8.42
N VAL A 215 4.47 -17.73 7.92
CA VAL A 215 4.71 -17.86 6.48
C VAL A 215 4.36 -19.28 6.06
N GLN A 216 3.69 -19.39 4.91
CA GLN A 216 3.33 -20.69 4.35
C GLN A 216 4.58 -21.49 4.02
N HIS A 217 4.53 -22.80 4.22
CA HIS A 217 5.71 -23.63 4.06
C HIS A 217 5.31 -24.99 3.50
N ASN A 218 6.29 -25.71 2.95
CA ASN A 218 6.00 -27.05 2.45
C ASN A 218 5.99 -28.04 3.61
N GLU A 219 5.83 -29.33 3.27
CA GLU A 219 5.69 -30.37 4.29
C GLU A 219 7.02 -30.90 4.80
N ASP A 220 8.13 -30.65 4.08
CA ASP A 220 9.41 -31.28 4.39
C ASP A 220 10.10 -30.67 5.61
N ILE A 221 9.97 -29.38 5.80
CA ILE A 221 10.77 -28.65 6.77
C ILE A 221 10.20 -28.85 8.18
N THR A 222 11.06 -28.84 9.17
CA THR A 222 10.59 -28.98 10.54
C THR A 222 10.37 -27.62 11.19
N LEU A 223 9.51 -27.59 12.22
CA LEU A 223 9.12 -26.35 12.86
C LEU A 223 10.32 -25.63 13.48
N GLU A 224 11.19 -26.37 14.17
CA GLU A 224 12.33 -25.74 14.81
C GLU A 224 13.27 -25.12 13.79
N GLU A 225 13.50 -25.80 12.66
CA GLU A 225 14.33 -25.23 11.59
C GLU A 225 13.72 -23.95 11.03
N MET A 226 12.40 -23.92 10.86
CA MET A 226 11.75 -22.74 10.31
C MET A 226 11.91 -21.55 11.25
N ARG A 227 11.69 -21.78 12.55
CA ARG A 227 11.78 -20.69 13.51
C ARG A 227 13.20 -20.15 13.61
N ARG A 228 14.19 -21.04 13.58
CA ARG A 228 15.58 -20.61 13.60
C ARG A 228 15.93 -19.79 12.35
N ALA A 229 15.41 -20.19 11.19
CA ALA A 229 15.70 -19.45 9.96
C ALA A 229 15.02 -18.09 9.96
N LEU A 230 13.79 -18.01 10.48
CA LEU A 230 13.11 -16.73 10.52
C LEU A 230 13.83 -15.75 11.44
N LYS A 231 14.40 -16.25 12.53
CA LYS A 231 15.14 -15.37 13.42
C LYS A 231 16.45 -14.92 12.80
N GLU A 232 17.23 -15.86 12.27
CA GLU A 232 18.62 -15.58 11.93
C GLU A 232 18.81 -15.10 10.50
N GLN A 233 18.00 -15.59 9.56
CA GLN A 233 18.12 -15.18 8.17
C GLN A 233 17.09 -14.14 7.76
N VAL A 234 16.02 -13.93 8.52
CA VAL A 234 15.03 -12.91 8.19
C VAL A 234 15.17 -11.74 9.16
N ILE A 235 14.79 -11.95 10.42
CA ILE A 235 14.73 -10.84 11.37
C ILE A 235 16.10 -10.17 11.51
N ARG A 236 17.14 -10.96 11.79
CA ARG A 236 18.44 -10.34 12.03
C ARG A 236 19.04 -9.72 10.77
N ALA A 237 18.52 -10.04 9.59
CA ALA A 237 19.02 -9.41 8.37
C ALA A 237 18.35 -8.07 8.09
N VAL A 238 17.24 -7.78 8.75
CA VAL A 238 16.35 -6.69 8.39
C VAL A 238 16.24 -5.65 9.50
N VAL A 239 16.19 -6.10 10.74
CA VAL A 239 15.99 -5.19 11.86
C VAL A 239 17.35 -4.71 12.37
N PRO A 240 17.57 -3.41 12.48
CA PRO A 240 18.82 -2.90 13.05
C PRO A 240 19.01 -3.46 14.45
N ALA A 241 20.21 -4.02 14.68
CA ALA A 241 20.47 -4.74 15.93
C ALA A 241 20.30 -3.88 17.17
N LYS A 242 20.50 -2.57 17.04
CA LYS A 242 20.37 -1.70 18.21
C LYS A 242 18.96 -1.72 18.78
N TYR A 243 17.96 -2.14 18.00
CA TYR A 243 16.58 -2.18 18.47
C TYR A 243 16.20 -3.51 19.10
N LEU A 244 16.97 -4.57 18.87
CA LEU A 244 16.67 -5.89 19.40
C LEU A 244 17.46 -6.14 20.68
N ASP A 245 16.85 -6.83 21.65
CA ASP A 245 17.58 -7.23 22.85
C ASP A 245 17.05 -8.57 23.34
N GLU A 246 17.60 -9.02 24.48
CA GLU A 246 17.32 -10.35 25.00
C GLU A 246 15.88 -10.51 25.48
N ASP A 247 15.18 -9.40 25.72
CA ASP A 247 13.78 -9.46 26.15
C ASP A 247 12.77 -9.28 25.02
N THR A 248 13.21 -9.10 23.78
CA THR A 248 12.28 -9.01 22.66
C THR A 248 11.50 -10.32 22.51
N VAL A 249 10.17 -10.22 22.34
CA VAL A 249 9.32 -11.40 22.23
C VAL A 249 9.19 -11.82 20.78
N TYR A 250 9.36 -13.12 20.51
CA TYR A 250 9.30 -13.66 19.16
C TYR A 250 8.19 -14.70 19.07
N HIS A 251 7.20 -14.43 18.24
CA HIS A 251 6.17 -15.39 17.88
C HIS A 251 6.41 -15.76 16.43
N LEU A 252 7.17 -16.83 16.21
CA LEU A 252 7.60 -17.25 14.88
C LEU A 252 6.92 -18.57 14.55
N GLN A 253 6.24 -18.60 13.41
CA GLN A 253 5.32 -19.68 13.05
C GLN A 253 4.42 -20.04 14.25
N PRO A 254 3.72 -19.06 14.83
CA PRO A 254 3.01 -19.34 16.09
C PRO A 254 1.90 -20.36 15.96
N SER A 255 1.36 -20.59 14.75
CA SER A 255 0.31 -21.58 14.63
C SER A 255 0.85 -23.00 14.61
N GLY A 256 2.16 -23.16 14.41
CA GLY A 256 2.78 -24.47 14.36
C GLY A 256 2.66 -25.21 13.05
N ARG A 257 1.71 -24.84 12.19
CA ARG A 257 1.54 -25.52 10.90
C ARG A 257 0.79 -24.60 9.96
N PHE A 258 1.40 -24.29 8.82
CA PHE A 258 0.87 -23.31 7.87
C PHE A 258 1.22 -23.84 6.47
N VAL A 259 0.66 -25.00 6.14
CA VAL A 259 0.87 -25.66 4.84
C VAL A 259 -0.18 -25.22 3.84
N ILE A 260 -1.45 -25.26 4.25
CA ILE A 260 -2.53 -24.67 3.46
C ILE A 260 -2.44 -23.16 3.55
N GLY A 261 -2.39 -22.51 2.40
CA GLY A 261 -2.27 -21.07 2.38
C GLY A 261 -2.71 -20.51 1.05
N GLY A 262 -2.37 -19.23 0.84
CA GLY A 262 -2.84 -18.53 -0.33
C GLY A 262 -4.36 -18.54 -0.39
N PRO A 263 -4.92 -18.40 -1.59
CA PRO A 263 -6.39 -18.38 -1.71
C PRO A 263 -7.08 -19.65 -1.21
N GLN A 264 -6.37 -20.78 -1.15
CA GLN A 264 -6.98 -22.00 -0.62
C GLN A 264 -7.33 -21.86 0.87
N GLY A 265 -6.52 -21.14 1.64
CA GLY A 265 -6.77 -21.02 3.06
C GLY A 265 -7.67 -19.87 3.49
N ASP A 266 -7.81 -18.85 2.63
CA ASP A 266 -8.48 -17.61 3.05
C ASP A 266 -8.85 -16.84 1.79
N ALA A 267 -10.11 -16.39 1.71
CA ALA A 267 -10.53 -15.59 0.56
C ALA A 267 -9.86 -14.23 0.57
N GLY A 268 -9.54 -13.73 -0.63
CA GLY A 268 -8.91 -12.43 -0.78
C GLY A 268 -9.76 -11.52 -1.64
N VAL A 269 -9.60 -10.22 -1.41
CA VAL A 269 -10.39 -9.19 -2.06
C VAL A 269 -9.54 -7.92 -2.18
N THR A 270 -9.66 -7.21 -3.30
CA THR A 270 -9.00 -5.90 -3.45
C THR A 270 -9.44 -4.93 -2.36
N GLY A 271 -8.48 -4.17 -1.83
CA GLY A 271 -8.81 -3.08 -0.94
C GLY A 271 -9.12 -3.50 0.48
N ARG A 272 -8.60 -4.64 0.93
CA ARG A 272 -8.79 -5.11 2.28
C ARG A 272 -7.51 -5.05 3.09
N LYS A 273 -6.51 -4.31 2.59
CA LYS A 273 -5.25 -4.12 3.29
C LYS A 273 -4.88 -2.64 3.27
N ILE A 274 -5.89 -1.78 3.52
CA ILE A 274 -5.77 -0.34 3.38
CA ILE A 274 -5.67 -0.36 3.30
C ILE A 274 -4.77 0.24 4.38
N ILE A 275 -4.69 -0.36 5.55
CA ILE A 275 -3.82 0.15 6.60
C ILE A 275 -2.40 -0.39 6.44
N VAL A 276 -2.25 -1.63 5.96
CA VAL A 276 -0.96 -2.12 5.49
C VAL A 276 -0.43 -1.23 4.35
N ASP A 277 -1.33 -0.78 3.47
CA ASP A 277 -0.91 -0.05 2.28
C ASP A 277 -0.37 1.33 2.61
N THR A 278 -0.67 1.86 3.80
CA THR A 278 -0.45 3.26 4.10
C THR A 278 0.51 3.35 5.28
N TYR A 279 0.02 3.59 6.50
CA TYR A 279 0.87 3.97 7.61
C TYR A 279 0.82 3.00 8.78
N GLY A 280 0.26 1.80 8.59
CA GLY A 280 0.25 0.82 9.67
C GLY A 280 -0.50 1.22 10.92
N GLY A 281 -1.53 2.07 10.78
CA GLY A 281 -2.34 2.49 11.91
C GLY A 281 -2.01 3.87 12.44
N TRP A 282 -0.83 4.39 12.12
CA TRP A 282 -0.46 5.76 12.41
C TRP A 282 -1.21 6.73 11.50
N GLY A 283 -1.12 8.02 11.82
CA GLY A 283 -1.77 9.03 11.01
C GLY A 283 -3.27 8.83 11.02
N ALA A 284 -3.87 8.61 9.85
CA ALA A 284 -5.31 8.37 9.76
C ALA A 284 -5.60 7.89 8.35
N HIS A 285 -6.80 7.39 8.14
CA HIS A 285 -7.23 6.89 6.84
C HIS A 285 -8.68 7.27 6.57
N GLY A 286 -8.97 7.66 5.32
CA GLY A 286 -10.31 8.05 4.93
C GLY A 286 -11.23 6.95 4.44
N GLY A 287 -10.70 5.72 4.28
CA GLY A 287 -11.50 4.56 3.93
C GLY A 287 -11.30 4.03 2.54
N GLY A 288 -10.81 4.84 1.60
CA GLY A 288 -10.77 4.39 0.20
C GLY A 288 -9.61 3.44 -0.09
N ALA A 289 -9.89 2.42 -0.90
CA ALA A 289 -8.81 1.56 -1.40
C ALA A 289 -8.07 2.25 -2.54
N PHE A 290 -6.82 1.80 -2.77
CA PHE A 290 -5.96 2.34 -3.82
C PHE A 290 -6.01 1.52 -5.11
N SER A 291 -5.85 0.20 -5.00
CA SER A 291 -5.51 -0.59 -6.18
C SER A 291 -6.73 -0.77 -7.09
N GLY A 292 -6.46 -0.84 -8.39
CA GLY A 292 -7.51 -1.00 -9.37
C GLY A 292 -8.14 0.29 -9.86
N LYS A 293 -7.63 1.46 -9.45
CA LYS A 293 -8.27 2.76 -9.70
C LYS A 293 -7.32 3.70 -10.43
N ASP A 294 -7.81 4.35 -11.50
CA ASP A 294 -7.06 5.38 -12.18
C ASP A 294 -7.09 6.70 -11.40
N TYR A 295 -6.36 7.70 -11.90
CA TYR A 295 -6.10 8.91 -11.14
C TYR A 295 -7.35 9.73 -10.85
N THR A 296 -8.41 9.61 -11.65
CA THR A 296 -9.62 10.38 -11.35
C THR A 296 -10.27 9.93 -10.05
N LYS A 297 -9.91 8.75 -9.55
CA LYS A 297 -10.41 8.30 -8.26
C LYS A 297 -9.56 8.95 -7.19
N VAL A 298 -10.10 9.99 -6.54
CA VAL A 298 -9.34 10.74 -5.56
C VAL A 298 -8.98 9.90 -4.34
N ASP A 299 -9.69 8.79 -4.10
CA ASP A 299 -9.26 7.84 -3.06
C ASP A 299 -7.78 7.55 -3.17
N ARG A 300 -7.28 7.43 -4.40
CA ARG A 300 -5.87 7.16 -4.64
C ARG A 300 -5.07 8.45 -4.86
N SER A 301 -5.41 9.21 -5.90
CA SER A 301 -4.58 10.35 -6.28
C SER A 301 -4.50 11.40 -5.17
N ALA A 302 -5.59 11.65 -4.45
CA ALA A 302 -5.53 12.66 -3.41
C ALA A 302 -4.84 12.14 -2.15
N ALA A 303 -4.93 10.84 -1.87
CA ALA A 303 -4.12 10.27 -0.79
C ALA A 303 -2.63 10.36 -1.11
N TYR A 304 -2.26 10.05 -2.36
CA TYR A 304 -0.86 10.23 -2.77
C TYR A 304 -0.44 11.69 -2.64
N ALA A 305 -1.28 12.61 -3.11
CA ALA A 305 -0.96 14.02 -3.00
C ALA A 305 -0.85 14.46 -1.54
N ALA A 306 -1.72 13.94 -0.67
CA ALA A 306 -1.64 14.35 0.74
C ALA A 306 -0.38 13.81 1.40
N ARG A 307 0.02 12.59 1.07
CA ARG A 307 1.32 12.09 1.52
C ARG A 307 2.43 13.02 1.06
N TRP A 308 2.38 13.40 -0.22
CA TRP A 308 3.37 14.29 -0.81
C TRP A 308 3.46 15.61 -0.05
N VAL A 309 2.29 16.22 0.25
CA VAL A 309 2.25 17.46 1.03
C VAL A 309 2.86 17.25 2.40
N ALA A 310 2.42 16.19 3.11
CA ALA A 310 2.90 15.94 4.46
C ALA A 310 4.41 15.75 4.50
N LYS A 311 4.94 14.96 3.56
CA LYS A 311 6.37 14.71 3.54
C LYS A 311 7.14 16.00 3.20
N SER A 312 6.61 16.81 2.29
CA SER A 312 7.22 18.09 1.96
C SER A 312 7.26 19.02 3.16
N LEU A 313 6.20 19.02 3.99
CA LEU A 313 6.21 19.85 5.18
C LEU A 313 7.28 19.41 6.16
N VAL A 314 7.41 18.10 6.37
CA VAL A 314 8.40 17.60 7.33
C VAL A 314 9.82 17.88 6.81
N LYS A 315 10.08 17.57 5.53
CA LYS A 315 11.41 17.77 4.95
C LYS A 315 11.81 19.24 4.91
N ALA A 316 10.85 20.14 4.86
CA ALA A 316 11.10 21.58 4.90
C ALA A 316 11.44 22.08 6.30
N GLY A 317 11.41 21.22 7.31
CA GLY A 317 11.69 21.63 8.65
C GLY A 317 10.54 22.36 9.33
N LEU A 318 9.35 22.35 8.72
CA LEU A 318 8.21 23.06 9.29
C LEU A 318 7.55 22.30 10.42
N CYS A 319 7.75 21.00 10.53
CA CYS A 319 7.22 20.21 11.63
C CYS A 319 8.03 18.92 11.71
N ARG A 320 7.80 18.17 12.78
CA ARG A 320 8.40 16.84 12.88
C ARG A 320 7.42 15.71 12.56
N ARG A 321 6.12 15.96 12.75
CA ARG A 321 5.03 15.02 12.53
C ARG A 321 3.85 15.82 11.98
N VAL A 322 3.17 15.30 10.97
CA VAL A 322 2.05 16.06 10.41
C VAL A 322 1.03 15.12 9.80
N LEU A 323 -0.25 15.44 10.02
CA LEU A 323 -1.37 14.77 9.38
C LEU A 323 -2.12 15.80 8.53
N VAL A 324 -2.46 15.43 7.30
CA VAL A 324 -3.17 16.31 6.37
C VAL A 324 -4.47 15.64 5.99
N GLN A 325 -5.59 16.35 6.10
CA GLN A 325 -6.86 15.84 5.56
C GLN A 325 -7.33 16.68 4.38
N VAL A 326 -7.86 16.02 3.36
CA VAL A 326 -8.52 16.67 2.24
C VAL A 326 -9.82 15.92 1.97
N SER A 327 -10.81 16.63 1.40
CA SER A 327 -12.06 15.97 1.02
C SER A 327 -12.63 16.60 -0.24
N TYR A 328 -13.48 15.84 -0.95
CA TYR A 328 -13.97 16.18 -2.27
C TYR A 328 -15.46 15.84 -2.38
N ALA A 329 -16.11 16.44 -3.38
CA ALA A 329 -17.44 16.04 -3.81
C ALA A 329 -17.37 15.59 -5.27
N ILE A 330 -18.15 14.57 -5.63
CA ILE A 330 -18.11 14.04 -7.00
C ILE A 330 -18.37 15.17 -7.99
N GLY A 331 -17.54 15.26 -9.02
CA GLY A 331 -17.70 16.25 -10.06
C GLY A 331 -17.05 17.60 -9.79
N VAL A 332 -16.65 17.87 -8.56
CA VAL A 332 -16.08 19.15 -8.17
C VAL A 332 -14.56 18.99 -8.11
N ALA A 333 -13.83 19.85 -8.84
CA ALA A 333 -12.37 19.71 -8.91
C ALA A 333 -11.68 20.19 -7.62
N GLU A 334 -12.13 21.33 -7.07
CA GLU A 334 -11.48 21.91 -5.91
C GLU A 334 -11.89 21.16 -4.63
N PRO A 335 -10.93 20.87 -3.75
CA PRO A 335 -11.25 20.23 -2.47
C PRO A 335 -12.30 21.02 -1.68
N LEU A 336 -13.17 20.28 -0.97
CA LEU A 336 -14.14 20.91 -0.10
C LEU A 336 -13.50 21.42 1.19
N SER A 337 -12.47 20.73 1.68
CA SER A 337 -11.81 21.10 2.92
C SER A 337 -10.36 20.61 2.87
N ILE A 338 -9.50 21.30 3.61
CA ILE A 338 -8.11 20.90 3.84
C ILE A 338 -7.78 21.20 5.30
N SER A 339 -7.15 20.27 6.00
CA SER A 339 -6.80 20.44 7.40
C SER A 339 -5.39 19.92 7.64
N ILE A 340 -4.68 20.58 8.56
CA ILE A 340 -3.31 20.21 8.92
C ILE A 340 -3.24 20.07 10.42
N PHE A 341 -2.68 18.95 10.89
CA PHE A 341 -2.46 18.73 12.32
C PHE A 341 -1.00 18.37 12.53
N THR A 342 -0.31 19.10 13.40
CA THR A 342 1.12 18.83 13.59
C THR A 342 1.45 18.21 14.93
N TYR A 343 0.45 17.81 15.73
CA TYR A 343 0.68 17.14 17.00
C TYR A 343 1.56 17.97 17.93
N GLY A 344 1.54 19.30 17.77
CA GLY A 344 2.36 20.18 18.56
C GLY A 344 3.82 20.26 18.18
N THR A 345 4.20 19.82 16.98
CA THR A 345 5.60 19.75 16.60
C THR A 345 6.03 20.87 15.65
N SER A 346 5.19 21.86 15.40
CA SER A 346 5.57 22.97 14.54
C SER A 346 5.59 24.28 15.33
N GLN A 347 6.52 25.15 14.96
CA GLN A 347 6.50 26.51 15.51
C GLN A 347 5.40 27.34 14.87
N LYS A 348 5.17 27.16 13.58
CA LYS A 348 4.07 27.86 12.92
C LYS A 348 2.73 27.27 13.35
N THR A 349 1.68 28.09 13.25
CA THR A 349 0.35 27.59 13.52
C THR A 349 -0.15 26.80 12.32
N GLU A 350 -1.18 25.99 12.56
CA GLU A 350 -1.71 25.19 11.47
C GLU A 350 -2.38 26.06 10.42
N ARG A 351 -2.90 27.23 10.81
CA ARG A 351 -3.42 28.16 9.80
C ARG A 351 -2.30 28.75 8.95
N GLU A 352 -1.12 28.97 9.54
CA GLU A 352 0.03 29.39 8.73
C GLU A 352 0.47 28.30 7.78
N LEU A 353 0.53 27.06 8.27
CA LEU A 353 0.91 25.92 7.42
C LEU A 353 -0.09 25.73 6.29
N LEU A 354 -1.38 25.95 6.57
CA LEU A 354 -2.39 25.90 5.53
C LEU A 354 -2.10 26.93 4.45
N ASP A 355 -1.67 28.13 4.85
CA ASP A 355 -1.25 29.13 3.89
C ASP A 355 -0.10 28.63 3.04
N VAL A 356 0.91 28.01 3.68
CA VAL A 356 2.03 27.44 2.93
C VAL A 356 1.53 26.43 1.91
N VAL A 357 0.59 25.57 2.31
CA VAL A 357 0.09 24.53 1.42
C VAL A 357 -0.63 25.15 0.23
N HIS A 358 -1.48 26.15 0.48
CA HIS A 358 -2.23 26.80 -0.60
C HIS A 358 -1.31 27.55 -1.54
N LYS A 359 -0.17 28.05 -1.04
CA LYS A 359 0.77 28.75 -1.91
C LYS A 359 1.65 27.81 -2.70
N ASN A 360 1.78 26.54 -2.31
CA ASN A 360 2.73 25.64 -2.95
C ASN A 360 2.11 24.45 -3.65
N PHE A 361 0.81 24.18 -3.48
CA PHE A 361 0.19 23.03 -4.12
C PHE A 361 -1.17 23.40 -4.68
N ASP A 362 -1.56 22.69 -5.73
CA ASP A 362 -2.88 22.78 -6.35
C ASP A 362 -3.46 21.37 -6.33
N LEU A 363 -4.41 21.11 -5.43
CA LEU A 363 -4.88 19.75 -5.17
C LEU A 363 -6.13 19.38 -5.96
N ARG A 364 -6.35 20.02 -7.10
CA ARG A 364 -7.31 19.52 -8.07
C ARG A 364 -6.78 18.25 -8.72
N PRO A 365 -7.63 17.25 -8.93
CA PRO A 365 -7.12 15.98 -9.51
C PRO A 365 -6.46 16.15 -10.87
N GLY A 366 -6.92 17.08 -11.69
CA GLY A 366 -6.28 17.31 -12.98
C GLY A 366 -4.94 18.00 -12.90
N VAL A 367 -4.59 18.57 -11.75
CA VAL A 367 -3.24 19.07 -11.56
C VAL A 367 -2.36 18.02 -10.89
N ILE A 368 -2.91 17.30 -9.89
CA ILE A 368 -2.18 16.22 -9.24
C ILE A 368 -1.65 15.23 -10.28
N VAL A 369 -2.49 14.89 -11.27
CA VAL A 369 -2.06 13.92 -12.28
C VAL A 369 -0.82 14.41 -13.02
N ARG A 370 -0.68 15.72 -13.22
CA ARG A 370 0.52 16.19 -13.90
C ARG A 370 1.70 16.22 -12.95
N ASP A 371 1.52 16.80 -11.76
CA ASP A 371 2.62 16.87 -10.78
C ASP A 371 3.17 15.49 -10.46
N LEU A 372 2.33 14.47 -10.41
CA LEU A 372 2.79 13.16 -9.94
C LEU A 372 2.77 12.10 -11.04
N ASP A 373 2.51 12.50 -12.30
CA ASP A 373 2.74 11.61 -13.44
C ASP A 373 1.87 10.36 -13.34
N LEU A 374 0.62 10.54 -12.94
CA LEU A 374 -0.22 9.43 -12.52
C LEU A 374 -0.83 8.66 -13.68
N LYS A 375 -0.46 8.96 -14.92
CA LYS A 375 -0.86 8.10 -16.02
C LYS A 375 0.19 7.05 -16.38
N LYS A 376 1.35 7.09 -15.75
CA LYS A 376 2.37 6.10 -16.04
C LYS A 376 1.95 4.75 -15.46
N PRO A 377 2.20 3.64 -16.16
CA PRO A 377 1.80 2.31 -15.66
C PRO A 377 2.77 1.73 -14.64
N ILE A 378 2.84 2.35 -13.47
CA ILE A 378 3.74 1.90 -12.41
C ILE A 378 2.98 1.35 -11.20
N TYR A 379 1.68 1.13 -11.32
CA TYR A 379 0.88 0.86 -10.14
C TYR A 379 1.04 -0.55 -9.58
N GLN A 380 1.33 -1.54 -10.42
CA GLN A 380 1.53 -2.87 -9.85
C GLN A 380 2.68 -2.88 -8.84
N LYS A 381 3.67 -2.01 -9.02
CA LYS A 381 4.76 -1.90 -8.04
C LYS A 381 4.25 -1.44 -6.69
N THR A 382 3.19 -0.62 -6.65
CA THR A 382 2.69 -0.08 -5.39
C THR A 382 1.86 -1.07 -4.60
N ALA A 383 1.42 -2.16 -5.23
CA ALA A 383 0.36 -3.01 -4.69
C ALA A 383 0.85 -4.03 -3.67
N CYS A 384 2.16 -4.10 -3.41
CA CYS A 384 2.68 -4.83 -2.26
C CYS A 384 3.86 -4.06 -1.70
N TYR A 385 4.10 -4.23 -0.39
CA TYR A 385 5.18 -3.59 0.38
C TYR A 385 4.94 -2.12 0.65
N GLY A 386 3.71 -1.65 0.47
CA GLY A 386 3.34 -0.31 0.87
C GLY A 386 3.37 0.70 -0.25
N HIS A 387 2.41 1.63 -0.25
CA HIS A 387 2.42 2.67 -1.27
C HIS A 387 3.34 3.82 -0.91
N PHE A 388 3.73 3.92 0.36
CA PHE A 388 4.49 5.05 0.85
C PHE A 388 5.82 4.58 1.43
N GLY A 389 6.77 5.50 1.50
CA GLY A 389 8.07 5.21 2.05
C GLY A 389 9.09 4.74 1.04
N ARG A 390 8.76 4.74 -0.25
CA ARG A 390 9.62 4.19 -1.30
C ARG A 390 9.96 5.31 -2.28
N SER A 391 11.25 5.68 -2.30
CA SER A 391 11.65 6.93 -2.92
C SER A 391 11.46 6.96 -4.43
N GLU A 392 11.30 5.79 -5.06
CA GLU A 392 11.06 5.72 -6.49
C GLU A 392 9.76 6.40 -6.92
N PHE A 393 8.77 6.57 -5.99
CA PHE A 393 7.50 7.08 -6.49
C PHE A 393 7.46 8.61 -6.42
N PRO A 394 6.73 9.26 -7.33
CA PRO A 394 6.79 10.73 -7.39
C PRO A 394 6.22 11.40 -6.15
N TRP A 395 5.21 10.81 -5.50
CA TRP A 395 4.69 11.42 -4.29
C TRP A 395 5.65 11.29 -3.11
N GLU A 396 6.77 10.57 -3.30
CA GLU A 396 7.80 10.47 -2.27
C GLU A 396 8.98 11.41 -2.53
N VAL A 397 8.94 12.20 -3.60
CA VAL A 397 9.95 13.22 -3.87
C VAL A 397 9.42 14.55 -3.35
N PRO A 398 9.95 15.08 -2.23
CA PRO A 398 9.38 16.31 -1.65
C PRO A 398 9.46 17.49 -2.61
N ARG A 399 8.43 18.34 -2.52
CA ARG A 399 8.44 19.62 -3.22
C ARG A 399 9.13 20.65 -2.33
N LYS A 400 10.02 21.44 -2.92
CA LYS A 400 10.67 22.49 -2.16
C LYS A 400 9.67 23.62 -1.96
N LEU A 401 9.49 24.04 -0.72
CA LEU A 401 8.41 24.96 -0.36
C LEU A 401 8.91 26.40 -0.30
N VAL A 402 8.10 27.33 -0.80
CA VAL A 402 8.31 28.75 -0.55
C VAL A 402 7.42 29.15 0.63
N PHE A 403 8.00 29.85 1.59
CA PHE A 403 7.25 30.29 2.77
C PHE A 403 7.99 31.42 3.47
#